data_3RJY
#
_entry.id   3RJY
#
_cell.length_a   47.300
_cell.length_b   47.300
_cell.length_c   271.387
_cell.angle_alpha   90.00
_cell.angle_beta   90.00
_cell.angle_gamma   90.00
#
_symmetry.space_group_name_H-M   'P 41 21 2'
#
loop_
_entity.id
_entity.type
_entity.pdbx_description
1 polymer 'Endoglucanase FnCel5A'
2 non-polymer alpha-D-glucopyranose
3 non-polymer 'PHOSPHATE ION'
4 water water
#
_entity_poly.entity_id   1
_entity_poly.type   'polypeptide(L)'
_entity_poly.pdbx_seq_one_letter_code
;MDQSVSNVDKMSAFEYNKMIGHGINMGNALEAPVEGSWGVYIEDEYFKIIKERGFDSVRIPIRWSAHISEKYPYEIDKFF
LDRVKHVVDVALKNDLVVIINCHHFEELYQAPDKYGPVLVEIWKQVAQAFKDYPDKLFFEIFNEPAQNLTPTKWNELYPK
VLGEIRKTNPSRIVIIDVPNWSNYSYVRELKLVDDKNIIVSFHYYEPFNFTHQGAEWVSPTLPIGVKWEGKDWEVEQIRN
HFKYVSEWAKKNNVPIFLGEFGAYSKADMESRVKWTKTVRRIAEEFGFSLAYWEFCAGFGLYDRWTKTWIEPLTTSALGK
;
_entity_poly.pdbx_strand_id   A
#
# COMPACT_ATOMS: atom_id res chain seq x y z
N MET A 11 -17.90 15.36 -0.46
CA MET A 11 -16.66 14.65 -0.01
C MET A 11 -16.80 13.21 -0.46
N SER A 12 -16.68 13.01 -1.77
CA SER A 12 -16.88 11.70 -2.37
C SER A 12 -15.60 10.89 -2.28
N ALA A 13 -15.70 9.61 -2.59
CA ALA A 13 -14.56 8.71 -2.56
C ALA A 13 -13.45 9.16 -3.53
N PHE A 14 -13.85 9.83 -4.60
CA PHE A 14 -12.93 10.34 -5.62
C PHE A 14 -12.16 11.55 -5.14
N GLU A 15 -12.83 12.40 -4.37
CA GLU A 15 -12.17 13.55 -3.76
C GLU A 15 -11.15 13.10 -2.73
N TYR A 16 -11.52 12.08 -1.93
CA TYR A 16 -10.60 11.53 -0.94
C TYR A 16 -9.44 10.82 -1.61
N ASN A 17 -9.69 10.19 -2.77
CA ASN A 17 -8.63 9.58 -3.57
C ASN A 17 -7.63 10.62 -4.05
N LYS A 18 -8.12 11.78 -4.48
CA LYS A 18 -7.24 12.88 -4.89
C LYS A 18 -6.39 13.41 -3.73
N MET A 19 -6.92 13.31 -2.51
CA MET A 19 -6.16 13.64 -1.30
C MET A 19 -4.97 12.69 -1.07
N ILE A 20 -5.10 11.44 -1.48
CA ILE A 20 -3.96 10.51 -1.43
C ILE A 20 -2.89 11.03 -2.39
N GLY A 21 -3.31 11.47 -3.57
CA GLY A 21 -2.43 12.18 -4.51
C GLY A 21 -1.20 11.35 -4.86
N HIS A 22 -0.03 11.91 -4.59
CA HIS A 22 1.24 11.19 -4.78
C HIS A 22 1.83 10.94 -3.41
N GLY A 23 1.91 9.68 -3.04
CA GLY A 23 2.32 9.30 -1.72
C GLY A 23 3.53 8.39 -1.75
N ILE A 24 3.87 7.90 -0.55
CA ILE A 24 5.03 7.02 -0.38
C ILE A 24 4.75 6.01 0.74
N ASN A 25 5.30 4.82 0.60
CA ASN A 25 5.19 3.76 1.60
C ASN A 25 6.32 3.86 2.63
N MET A 26 5.98 3.75 3.91
CA MET A 26 6.98 3.65 4.98
C MET A 26 7.32 2.16 5.15
N GLY A 27 8.15 1.65 4.25
CA GLY A 27 8.41 0.20 4.11
C GLY A 27 9.43 -0.27 5.10
N ASN A 28 9.45 -1.58 5.35
CA ASN A 28 10.45 -2.24 6.21
C ASN A 28 10.50 -1.74 7.66
N ALA A 29 9.35 -1.28 8.16
CA ALA A 29 9.19 -0.71 9.49
C ALA A 29 8.22 -1.53 10.37
N LEU A 30 6.96 -1.11 10.44
CA LEU A 30 5.91 -1.76 11.26
C LEU A 30 5.31 -3.07 10.74
N GLU A 31 5.69 -3.47 9.52
CA GLU A 31 5.25 -4.73 8.95
C GLU A 31 6.30 -5.86 9.06
N ALA A 32 7.46 -5.53 9.61
CA ALA A 32 8.44 -6.53 10.11
C ALA A 32 7.88 -7.22 11.35
N PRO A 33 8.45 -8.39 11.73
CA PRO A 33 8.03 -8.99 13.01
C PRO A 33 8.04 -7.98 14.17
N VAL A 34 9.14 -7.22 14.29
CA VAL A 34 9.25 -6.12 15.26
C VAL A 34 9.72 -4.89 14.48
N GLU A 35 9.30 -3.68 14.90
CA GLU A 35 9.75 -2.42 14.30
C GLU A 35 11.26 -2.23 14.39
N GLY A 36 11.92 -2.07 13.25
CA GLY A 36 13.35 -1.85 13.21
C GLY A 36 14.14 -3.08 12.81
N SER A 37 13.50 -4.26 12.88
CA SER A 37 14.20 -5.50 12.58
C SER A 37 14.38 -5.75 11.07
N TRP A 38 13.72 -4.94 10.24
CA TRP A 38 13.93 -4.98 8.79
C TRP A 38 14.71 -3.74 8.28
N GLY A 39 15.12 -2.88 9.21
CA GLY A 39 16.06 -1.78 8.90
C GLY A 39 15.55 -0.37 9.16
N VAL A 40 14.24 -0.24 9.34
CA VAL A 40 13.64 1.08 9.47
C VAL A 40 12.85 1.17 10.75
N TYR A 41 13.22 2.16 11.56
CA TYR A 41 12.45 2.57 12.71
C TYR A 41 11.88 3.92 12.29
N ILE A 42 10.58 4.10 12.46
CA ILE A 42 9.96 5.34 12.01
C ILE A 42 10.26 6.47 13.00
N GLU A 43 11.19 7.34 12.62
CA GLU A 43 11.47 8.57 13.37
C GLU A 43 10.42 9.61 13.05
N ASP A 44 10.09 10.45 14.02
CA ASP A 44 9.05 11.48 13.85
C ASP A 44 9.32 12.41 12.67
N GLU A 45 10.60 12.75 12.48
CA GLU A 45 11.00 13.74 11.47
C GLU A 45 10.83 13.23 10.04
N TYR A 46 10.83 11.91 9.84
CA TYR A 46 10.61 11.32 8.51
C TYR A 46 9.37 11.89 7.81
N PHE A 47 8.29 12.11 8.57
CA PHE A 47 7.02 12.68 8.07
C PHE A 47 7.10 14.16 7.72
N LYS A 48 7.90 14.91 8.47
CA LYS A 48 8.20 16.29 8.10
C LYS A 48 9.04 16.30 6.84
N ILE A 49 10.02 15.40 6.78
CA ILE A 49 10.89 15.26 5.61
C ILE A 49 10.07 14.88 4.37
N ILE A 50 9.13 13.95 4.53
CA ILE A 50 8.24 13.49 3.44
C ILE A 50 7.28 14.58 2.95
N LYS A 51 6.67 15.30 3.89
CA LYS A 51 5.83 16.42 3.52
C LYS A 51 6.60 17.50 2.76
N GLU A 52 7.75 17.91 3.32
CA GLU A 52 8.62 18.94 2.75
C GLU A 52 8.98 18.68 1.28
N ARG A 53 9.26 17.43 0.94
CA ARG A 53 9.62 17.08 -0.44
C ARG A 53 8.42 17.21 -1.42
N GLY A 54 7.20 17.07 -0.92
CA GLY A 54 5.99 17.31 -1.73
C GLY A 54 4.98 16.17 -1.78
N PHE A 55 5.25 15.08 -1.06
CA PHE A 55 4.31 13.96 -1.00
C PHE A 55 3.03 14.39 -0.27
N ASP A 56 1.91 13.84 -0.69
CA ASP A 56 0.61 14.21 -0.11
C ASP A 56 0.23 13.26 1.00
N SER A 57 0.72 12.02 0.90
CA SER A 57 0.25 10.96 1.76
C SER A 57 1.38 9.98 2.09
N VAL A 58 1.16 9.18 3.13
CA VAL A 58 2.06 8.09 3.51
C VAL A 58 1.22 6.84 3.79
N ARG A 59 1.63 5.71 3.20
CA ARG A 59 0.99 4.44 3.47
C ARG A 59 1.86 3.70 4.50
N ILE A 60 1.23 3.20 5.56
CA ILE A 60 1.97 2.57 6.66
C ILE A 60 1.57 1.11 6.83
N PRO A 61 2.36 0.19 6.21
CA PRO A 61 2.17 -1.24 6.42
C PRO A 61 2.36 -1.60 7.90
N ILE A 62 1.42 -2.37 8.45
CA ILE A 62 1.46 -2.80 9.86
C ILE A 62 1.14 -4.31 9.96
N ARG A 63 2.06 -5.06 10.57
CA ARG A 63 1.81 -6.48 10.85
C ARG A 63 1.15 -6.61 12.22
N TRP A 64 -0.15 -6.30 12.28
CA TRP A 64 -0.89 -6.36 13.54
C TRP A 64 -0.84 -7.77 14.11
N SER A 65 -0.85 -8.76 13.21
CA SER A 65 -0.92 -10.18 13.58
C SER A 65 0.27 -10.66 14.41
N ALA A 66 1.36 -9.89 14.44
CA ALA A 66 2.51 -10.24 15.27
C ALA A 66 2.46 -9.49 16.60
N HIS A 67 1.36 -8.77 16.83
CA HIS A 67 1.19 -8.00 18.06
C HIS A 67 -0.12 -8.24 18.81
N ILE A 68 -0.66 -9.45 18.64
CA ILE A 68 -1.92 -9.86 19.26
C ILE A 68 -1.71 -11.17 20.03
N SER A 69 -2.54 -11.44 21.02
CA SER A 69 -2.52 -12.77 21.63
C SER A 69 -2.86 -13.83 20.58
N GLU A 70 -2.13 -14.92 20.69
CA GLU A 70 -2.41 -16.15 19.98
C GLU A 70 -3.87 -16.57 20.11
N LYS A 71 -4.41 -16.50 21.33
CA LYS A 71 -5.78 -16.93 21.57
C LYS A 71 -6.77 -15.78 21.53
N TYR A 72 -8.03 -16.15 21.33
CA TYR A 72 -9.19 -15.27 21.39
C TYR A 72 -9.24 -14.49 22.70
N PRO A 73 -9.61 -13.19 22.64
CA PRO A 73 -10.06 -12.43 21.48
C PRO A 73 -8.93 -11.65 20.76
N TYR A 74 -7.75 -12.27 20.65
CA TYR A 74 -6.67 -11.74 19.80
C TYR A 74 -6.41 -10.27 20.11
N GLU A 75 -6.26 -9.97 21.39
CA GLU A 75 -6.09 -8.60 21.84
C GLU A 75 -4.72 -8.08 21.39
N ILE A 76 -4.75 -6.86 20.84
CA ILE A 76 -3.56 -6.17 20.39
C ILE A 76 -2.79 -5.61 21.59
N ASP A 77 -1.52 -5.96 21.67
CA ASP A 77 -0.62 -5.38 22.67
C ASP A 77 -0.87 -3.87 22.83
N LYS A 78 -1.17 -3.45 24.06
CA LYS A 78 -1.40 -2.03 24.36
C LYS A 78 -0.24 -1.11 23.96
N PHE A 79 1.00 -1.59 24.15
CA PHE A 79 2.18 -0.79 23.82
C PHE A 79 2.36 -0.65 22.31
N PHE A 80 2.08 -1.71 21.55
CA PHE A 80 2.16 -1.63 20.11
C PHE A 80 1.10 -0.67 19.57
N LEU A 81 -0.12 -0.77 20.09
CA LEU A 81 -1.21 0.08 19.67
C LEU A 81 -0.89 1.57 19.91
N ASP A 82 -0.32 1.91 21.06
CA ASP A 82 0.02 3.30 21.36
C ASP A 82 1.17 3.85 20.50
N ARG A 83 2.12 2.97 20.17
CA ARG A 83 3.16 3.26 19.18
C ARG A 83 2.56 3.65 17.83
N VAL A 84 1.66 2.82 17.31
CA VAL A 84 0.98 3.11 16.04
C VAL A 84 0.18 4.43 16.12
N LYS A 85 -0.55 4.60 17.22
CA LYS A 85 -1.23 5.89 17.51
C LYS A 85 -0.26 7.07 17.45
N HIS A 86 0.93 6.92 18.05
CA HIS A 86 1.89 8.01 18.03
C HIS A 86 2.39 8.32 16.60
N VAL A 87 2.78 7.28 15.88
CA VAL A 87 3.18 7.38 14.47
C VAL A 87 2.11 8.07 13.59
N VAL A 88 0.85 7.65 13.73
CA VAL A 88 -0.26 8.27 13.01
C VAL A 88 -0.39 9.74 13.42
N ASP A 89 -0.33 10.01 14.72
CA ASP A 89 -0.47 11.38 15.24
C ASP A 89 0.49 12.34 14.56
N VAL A 90 1.77 11.96 14.56
CA VAL A 90 2.86 12.74 13.98
C VAL A 90 2.69 12.88 12.46
N ALA A 91 2.40 11.78 11.78
CA ALA A 91 2.13 11.85 10.34
C ALA A 91 1.04 12.89 10.01
N LEU A 92 -0.10 12.81 10.70
CA LEU A 92 -1.23 13.74 10.50
C LEU A 92 -0.91 15.20 10.84
N LYS A 93 -0.09 15.40 11.87
CA LYS A 93 0.36 16.73 12.29
C LYS A 93 1.27 17.37 11.24
N ASN A 94 1.83 16.54 10.37
CA ASN A 94 2.63 17.03 9.24
C ASN A 94 1.81 17.21 7.97
N ASP A 95 0.49 17.23 8.14
CA ASP A 95 -0.45 17.52 7.07
C ASP A 95 -0.37 16.52 5.90
N LEU A 96 -0.11 15.27 6.25
CA LEU A 96 -0.22 14.17 5.30
C LEU A 96 -1.53 13.46 5.48
N VAL A 97 -2.03 12.89 4.39
CA VAL A 97 -3.06 11.85 4.45
C VAL A 97 -2.33 10.58 4.89
N VAL A 98 -2.94 9.79 5.78
CA VAL A 98 -2.32 8.61 6.36
C VAL A 98 -3.15 7.35 6.09
N ILE A 99 -2.50 6.31 5.57
CA ILE A 99 -3.14 5.02 5.33
C ILE A 99 -2.52 3.97 6.25
N ILE A 100 -3.35 3.37 7.10
CA ILE A 100 -2.87 2.25 7.93
C ILE A 100 -3.52 0.98 7.43
N ASN A 101 -2.73 -0.08 7.33
CA ASN A 101 -3.26 -1.37 6.87
C ASN A 101 -3.02 -2.52 7.85
N CYS A 102 -3.43 -3.72 7.44
CA CYS A 102 -2.90 -4.97 8.00
C CYS A 102 -2.06 -5.63 6.91
N HIS A 103 -0.82 -6.01 7.23
CA HIS A 103 0.17 -6.40 6.23
C HIS A 103 0.92 -7.65 6.73
N HIS A 104 1.19 -8.60 5.85
CA HIS A 104 2.00 -9.80 6.20
C HIS A 104 1.37 -10.68 7.31
N PHE A 105 0.07 -10.91 7.20
CA PHE A 105 -0.64 -11.80 8.11
C PHE A 105 -0.50 -13.19 7.49
N GLU A 106 0.62 -13.85 7.81
CA GLU A 106 1.03 -15.11 7.14
C GLU A 106 0.02 -16.26 7.30
N GLU A 107 -0.59 -16.36 8.47
CA GLU A 107 -1.59 -17.39 8.76
C GLU A 107 -2.87 -17.24 7.93
N LEU A 108 -3.30 -15.99 7.72
CA LEU A 108 -4.40 -15.67 6.80
C LEU A 108 -4.22 -16.24 5.37
N TYR A 109 -2.99 -16.23 4.86
CA TYR A 109 -2.72 -16.77 3.52
C TYR A 109 -2.86 -18.29 3.46
N GLN A 110 -2.66 -18.93 4.60
CA GLN A 110 -2.66 -20.37 4.64
C GLN A 110 -4.03 -20.95 5.07
N ALA A 111 -4.69 -20.31 6.06
CA ALA A 111 -5.99 -20.80 6.53
C ALA A 111 -7.00 -19.68 6.82
N PRO A 112 -7.57 -19.07 5.76
CA PRO A 112 -8.48 -17.91 5.91
C PRO A 112 -9.81 -18.24 6.60
N ASP A 113 -10.34 -19.45 6.37
CA ASP A 113 -11.54 -19.86 7.08
C ASP A 113 -11.33 -19.79 8.60
N LYS A 114 -10.08 -19.97 9.05
CA LYS A 114 -9.77 -19.91 10.47
C LYS A 114 -9.35 -18.52 10.95
N TYR A 115 -8.58 -17.82 10.12
CA TYR A 115 -7.96 -16.55 10.50
C TYR A 115 -8.71 -15.31 10.03
N GLY A 116 -9.67 -15.51 9.12
CA GLY A 116 -10.63 -14.49 8.71
C GLY A 116 -11.30 -13.79 9.90
N PRO A 117 -11.92 -14.57 10.82
CA PRO A 117 -12.42 -14.00 12.09
C PRO A 117 -11.37 -13.28 12.94
N VAL A 118 -10.11 -13.67 12.81
CA VAL A 118 -9.04 -12.96 13.52
C VAL A 118 -8.80 -11.54 12.95
N LEU A 119 -8.78 -11.43 11.62
CA LEU A 119 -8.69 -10.14 10.94
C LEU A 119 -9.85 -9.22 11.33
N VAL A 120 -11.04 -9.79 11.42
CA VAL A 120 -12.23 -9.05 11.86
C VAL A 120 -12.01 -8.46 13.26
N GLU A 121 -11.53 -9.27 14.19
CA GLU A 121 -11.24 -8.82 15.55
C GLU A 121 -10.12 -7.76 15.61
N ILE A 122 -9.08 -7.96 14.80
CA ILE A 122 -8.02 -6.96 14.69
C ILE A 122 -8.60 -5.61 14.29
N TRP A 123 -9.41 -5.58 13.24
CA TRP A 123 -10.02 -4.32 12.76
C TRP A 123 -11.10 -3.77 13.70
N LYS A 124 -11.83 -4.65 14.38
CA LYS A 124 -12.71 -4.23 15.46
C LYS A 124 -11.96 -3.32 16.42
N GLN A 125 -10.78 -3.77 16.85
CA GLN A 125 -9.97 -3.06 17.82
C GLN A 125 -9.28 -1.82 17.27
N VAL A 126 -8.79 -1.88 16.02
CA VAL A 126 -8.09 -0.72 15.40
C VAL A 126 -9.08 0.37 15.06
N ALA A 127 -10.25 -0.03 14.57
CA ALA A 127 -11.28 0.92 14.17
C ALA A 127 -11.79 1.67 15.40
N GLN A 128 -11.91 0.96 16.51
CA GLN A 128 -12.39 1.53 17.77
C GLN A 128 -11.38 2.55 18.31
N ALA A 129 -10.10 2.22 18.26
CA ALA A 129 -9.04 3.11 18.74
C ALA A 129 -8.90 4.36 17.88
N PHE A 130 -9.09 4.22 16.56
CA PHE A 130 -8.95 5.37 15.66
C PHE A 130 -10.26 6.05 15.18
N LYS A 131 -11.41 5.66 15.76
CA LYS A 131 -12.73 6.16 15.29
C LYS A 131 -12.94 7.69 15.26
N ASP A 132 -12.29 8.41 16.16
CA ASP A 132 -12.50 9.86 16.25
C ASP A 132 -11.36 10.61 15.57
N TYR A 133 -10.52 9.90 14.81
CA TYR A 133 -9.43 10.54 14.08
C TYR A 133 -9.99 11.30 12.88
N PRO A 134 -9.31 12.38 12.45
CA PRO A 134 -9.75 13.14 11.27
C PRO A 134 -9.89 12.24 10.04
N ASP A 135 -10.68 12.71 9.08
CA ASP A 135 -10.95 11.98 7.85
C ASP A 135 -9.72 11.79 6.93
N LYS A 136 -8.57 12.32 7.36
CA LYS A 136 -7.32 12.19 6.60
C LYS A 136 -6.55 10.91 6.95
N LEU A 137 -7.07 10.19 7.95
CA LEU A 137 -6.66 8.82 8.19
C LEU A 137 -7.62 7.82 7.49
N PHE A 138 -7.07 6.95 6.65
CA PHE A 138 -7.82 5.92 5.92
C PHE A 138 -7.44 4.55 6.45
N PHE A 139 -8.36 3.59 6.36
CA PHE A 139 -8.08 2.19 6.70
C PHE A 139 -7.89 1.38 5.39
N GLU A 140 -7.07 0.35 5.46
CA GLU A 140 -6.88 -0.59 4.35
C GLU A 140 -6.92 -1.99 4.94
N ILE A 141 -7.98 -2.74 4.61
CA ILE A 141 -8.33 -3.97 5.35
C ILE A 141 -7.18 -4.96 5.35
N PHE A 142 -6.66 -5.26 4.16
CA PHE A 142 -5.56 -6.20 4.04
C PHE A 142 -4.70 -5.94 2.82
N ASN A 143 -3.41 -6.20 2.98
CA ASN A 143 -2.43 -6.10 1.89
C ASN A 143 -2.31 -7.39 1.09
N GLU A 144 -2.59 -7.28 -0.21
CA GLU A 144 -2.34 -8.33 -1.17
C GLU A 144 -2.92 -9.69 -0.77
N PRO A 145 -4.25 -9.83 -0.85
CA PRO A 145 -4.84 -11.14 -0.68
C PRO A 145 -4.27 -12.10 -1.73
N ALA A 146 -4.04 -13.33 -1.32
CA ALA A 146 -3.38 -14.32 -2.17
C ALA A 146 -3.49 -15.75 -1.60
N GLN A 147 -3.05 -16.69 -2.43
CA GLN A 147 -2.96 -18.11 -2.09
C GLN A 147 -4.30 -18.69 -1.63
N ASN A 148 -4.35 -19.23 -0.43
CA ASN A 148 -5.60 -19.77 0.13
C ASN A 148 -6.68 -18.71 0.33
N LEU A 149 -6.27 -17.45 0.52
CA LEU A 149 -7.23 -16.35 0.54
C LEU A 149 -7.52 -15.94 -0.91
N THR A 150 -8.34 -16.75 -1.56
CA THR A 150 -8.63 -16.63 -2.98
C THR A 150 -9.49 -15.40 -3.26
N PRO A 151 -9.64 -15.02 -4.54
CA PRO A 151 -10.59 -13.98 -4.93
C PRO A 151 -11.96 -14.18 -4.28
N THR A 152 -12.50 -15.40 -4.34
CA THR A 152 -13.81 -15.72 -3.76
C THR A 152 -13.85 -15.53 -2.26
N LYS A 153 -12.86 -16.05 -1.54
CA LYS A 153 -12.84 -15.93 -0.09
C LYS A 153 -12.58 -14.49 0.37
N TRP A 154 -11.75 -13.79 -0.38
CA TRP A 154 -11.53 -12.37 -0.12
C TRP A 154 -12.84 -11.59 -0.29
N ASN A 155 -13.60 -11.94 -1.32
CA ASN A 155 -14.88 -11.30 -1.64
C ASN A 155 -15.92 -11.56 -0.57
N GLU A 156 -15.72 -12.66 0.14
CA GLU A 156 -16.52 -13.04 1.31
C GLU A 156 -15.97 -12.40 2.60
N LEU A 157 -14.65 -12.43 2.76
CA LEU A 157 -14.04 -11.91 3.99
C LEU A 157 -14.10 -10.37 4.11
N TYR A 158 -13.66 -9.65 3.08
CA TYR A 158 -13.51 -8.20 3.23
C TYR A 158 -14.78 -7.47 3.66
N PRO A 159 -15.98 -7.83 3.08
CA PRO A 159 -17.22 -7.17 3.54
C PRO A 159 -17.54 -7.35 5.03
N LYS A 160 -17.13 -8.50 5.59
CA LYS A 160 -17.36 -8.78 7.02
C LYS A 160 -16.47 -7.86 7.87
N VAL A 161 -15.21 -7.68 7.44
CA VAL A 161 -14.32 -6.75 8.16
C VAL A 161 -14.85 -5.33 7.99
N LEU A 162 -15.28 -5.00 6.77
CA LEU A 162 -15.83 -3.68 6.48
C LEU A 162 -17.09 -3.44 7.32
N GLY A 163 -17.99 -4.41 7.35
CA GLY A 163 -19.15 -4.40 8.27
C GLY A 163 -18.81 -4.06 9.72
N GLU A 164 -17.83 -4.78 10.27
CA GLU A 164 -17.28 -4.49 11.59
C GLU A 164 -16.71 -3.05 11.69
N ILE A 165 -15.85 -2.65 10.75
CA ILE A 165 -15.34 -1.25 10.72
C ILE A 165 -16.47 -0.17 10.75
N ARG A 166 -17.50 -0.39 9.93
CA ARG A 166 -18.64 0.56 9.81
C ARG A 166 -19.43 0.78 11.08
N LYS A 167 -19.37 -0.17 12.02
CA LYS A 167 -20.05 -0.02 13.31
C LYS A 167 -19.52 1.14 14.16
N THR A 168 -18.25 1.49 13.98
CA THR A 168 -17.64 2.60 14.73
C THR A 168 -17.14 3.75 13.83
N ASN A 169 -16.85 3.43 12.57
CA ASN A 169 -16.40 4.42 11.58
C ASN A 169 -17.30 4.38 10.35
N PRO A 170 -18.47 5.05 10.43
CA PRO A 170 -19.47 4.94 9.36
C PRO A 170 -19.05 5.42 7.97
N SER A 171 -18.21 6.45 7.89
CA SER A 171 -17.86 7.01 6.59
C SER A 171 -16.35 7.10 6.25
N ARG A 172 -15.48 6.71 7.18
CA ARG A 172 -14.03 6.79 6.89
C ARG A 172 -13.69 6.03 5.59
N ILE A 173 -12.75 6.55 4.81
CA ILE A 173 -12.32 5.84 3.60
C ILE A 173 -11.67 4.51 3.97
N VAL A 174 -12.16 3.44 3.32
CA VAL A 174 -11.59 2.10 3.48
C VAL A 174 -11.12 1.58 2.13
N ILE A 175 -9.86 1.16 2.09
CA ILE A 175 -9.23 0.72 0.85
C ILE A 175 -9.26 -0.80 0.72
N ILE A 176 -9.80 -1.28 -0.42
CA ILE A 176 -9.94 -2.69 -0.70
C ILE A 176 -8.90 -3.16 -1.74
N ASP A 177 -8.02 -4.07 -1.33
CA ASP A 177 -7.02 -4.60 -2.26
C ASP A 177 -7.58 -5.59 -3.26
N VAL A 178 -7.02 -5.54 -4.45
CA VAL A 178 -7.28 -6.50 -5.50
C VAL A 178 -6.69 -7.83 -5.01
N PRO A 179 -7.35 -8.97 -5.31
CA PRO A 179 -6.83 -10.26 -4.88
C PRO A 179 -5.66 -10.72 -5.76
N ASN A 180 -5.15 -11.92 -5.51
CA ASN A 180 -3.98 -12.46 -6.22
C ASN A 180 -2.77 -11.52 -6.22
N TRP A 181 -2.27 -11.24 -5.01
CA TRP A 181 -1.17 -10.29 -4.77
C TRP A 181 -1.45 -8.84 -5.27
N SER A 182 -2.72 -8.52 -5.54
CA SER A 182 -3.16 -7.21 -6.07
C SER A 182 -2.58 -6.88 -7.45
N ASN A 183 -2.26 -7.93 -8.21
CA ASN A 183 -1.77 -7.81 -9.58
C ASN A 183 -2.91 -7.24 -10.41
N TYR A 184 -2.56 -6.31 -11.31
CA TYR A 184 -3.56 -5.59 -12.12
C TYR A 184 -4.57 -6.50 -12.84
N SER A 185 -4.12 -7.67 -13.30
CA SER A 185 -4.89 -8.52 -14.22
C SER A 185 -6.04 -9.27 -13.54
N TYR A 186 -6.07 -9.21 -12.21
CA TYR A 186 -7.10 -9.86 -11.43
C TYR A 186 -8.18 -8.88 -10.96
N VAL A 187 -8.12 -7.64 -11.45
CA VAL A 187 -9.05 -6.61 -11.01
C VAL A 187 -10.54 -7.01 -11.15
N ARG A 188 -10.90 -7.63 -12.26
CA ARG A 188 -12.30 -8.05 -12.53
C ARG A 188 -12.85 -9.13 -11.57
N GLU A 189 -11.98 -9.81 -10.83
CA GLU A 189 -12.39 -10.83 -9.86
C GLU A 189 -12.94 -10.24 -8.56
N LEU A 190 -12.57 -8.99 -8.27
CA LEU A 190 -13.04 -8.29 -7.06
C LEU A 190 -14.52 -7.92 -7.16
N LYS A 191 -15.30 -8.42 -6.21
CA LYS A 191 -16.71 -8.06 -6.12
C LYS A 191 -16.85 -6.89 -5.15
N LEU A 192 -17.57 -5.87 -5.59
CA LEU A 192 -17.75 -4.64 -4.85
C LEU A 192 -19.02 -4.66 -4.00
N VAL A 193 -18.98 -3.87 -2.94
CA VAL A 193 -20.09 -3.78 -2.01
C VAL A 193 -20.78 -2.44 -2.27
N ASP A 194 -21.89 -2.21 -1.57
CA ASP A 194 -22.69 -0.99 -1.74
C ASP A 194 -22.05 0.24 -1.12
N ASP A 195 -21.12 0.02 -0.20
CA ASP A 195 -20.38 1.08 0.49
C ASP A 195 -19.73 2.07 -0.50
N LYS A 196 -20.05 3.33 -0.30
CA LYS A 196 -19.65 4.41 -1.20
C LYS A 196 -18.38 5.13 -0.75
N ASN A 197 -17.81 4.69 0.36
CA ASN A 197 -16.60 5.27 0.93
C ASN A 197 -15.43 4.29 0.89
N ILE A 198 -15.26 3.66 -0.27
CA ILE A 198 -14.18 2.71 -0.48
C ILE A 198 -13.34 3.13 -1.69
N ILE A 199 -12.09 2.68 -1.70
CA ILE A 199 -11.18 2.92 -2.81
C ILE A 199 -10.55 1.56 -3.10
N VAL A 200 -10.46 1.21 -4.39
CA VAL A 200 -9.85 -0.07 -4.77
C VAL A 200 -8.37 0.15 -5.03
N SER A 201 -7.55 -0.74 -4.53
CA SER A 201 -6.11 -0.61 -4.71
C SER A 201 -5.50 -1.82 -5.43
N PHE A 202 -4.63 -1.54 -6.41
CA PHE A 202 -3.77 -2.57 -7.02
C PHE A 202 -2.30 -2.18 -6.84
N HIS A 203 -1.40 -3.14 -7.03
CA HIS A 203 0.04 -2.91 -6.95
C HIS A 203 0.67 -3.16 -8.30
N TYR A 204 1.74 -2.45 -8.62
CA TYR A 204 2.36 -2.65 -9.92
C TYR A 204 3.86 -2.86 -9.86
N TYR A 205 4.28 -4.06 -10.28
CA TYR A 205 5.68 -4.44 -10.32
C TYR A 205 6.11 -5.04 -11.66
N GLU A 206 5.31 -4.82 -12.69
CA GLU A 206 5.63 -5.37 -14.02
C GLU A 206 6.65 -4.49 -14.77
N PRO A 207 7.61 -5.12 -15.49
CA PRO A 207 7.85 -6.56 -15.50
C PRO A 207 8.59 -6.96 -14.24
N PHE A 208 8.10 -8.01 -13.58
CA PHE A 208 8.68 -8.51 -12.32
C PHE A 208 10.18 -8.83 -12.38
N ASN A 209 10.62 -9.40 -13.51
CA ASN A 209 12.04 -9.68 -13.71
C ASN A 209 12.91 -8.42 -13.91
N PHE A 210 12.26 -7.26 -14.08
CA PHE A 210 12.98 -5.98 -14.02
C PHE A 210 12.96 -5.42 -12.61
N THR A 211 11.77 -5.19 -12.05
CA THR A 211 11.64 -4.53 -10.75
C THR A 211 12.26 -5.31 -9.60
N HIS A 212 12.29 -6.63 -9.72
CA HIS A 212 12.78 -7.46 -8.61
C HIS A 212 14.04 -8.23 -8.93
N GLN A 213 14.77 -7.76 -9.94
CA GLN A 213 16.07 -8.35 -10.29
C GLN A 213 17.08 -8.18 -9.15
N GLY A 214 17.70 -9.28 -8.77
CA GLY A 214 18.69 -9.30 -7.70
C GLY A 214 18.14 -9.28 -6.28
N ALA A 215 16.81 -9.31 -6.15
CA ALA A 215 16.16 -9.34 -4.83
C ALA A 215 16.30 -10.73 -4.24
N GLU A 216 17.21 -10.85 -3.26
CA GLU A 216 17.53 -12.12 -2.59
C GLU A 216 16.32 -12.85 -1.99
N TRP A 217 15.24 -12.12 -1.70
CA TRP A 217 14.06 -12.73 -1.05
C TRP A 217 13.15 -13.49 -2.02
N VAL A 218 13.37 -13.28 -3.32
CA VAL A 218 12.69 -14.05 -4.34
C VAL A 218 13.51 -15.31 -4.57
N SER A 219 12.84 -16.45 -4.65
CA SER A 219 13.53 -17.71 -4.86
C SER A 219 13.00 -18.40 -6.12
N PRO A 220 13.89 -18.71 -7.09
CA PRO A 220 15.31 -18.30 -7.16
C PRO A 220 15.51 -16.80 -7.39
N THR A 221 16.68 -16.30 -7.01
CA THR A 221 16.99 -14.88 -7.15
C THR A 221 17.15 -14.54 -8.63
N LEU A 222 16.28 -13.67 -9.12
CA LEU A 222 16.30 -13.24 -10.51
C LEU A 222 17.63 -12.57 -10.91
N PRO A 223 18.13 -12.90 -12.11
CA PRO A 223 19.40 -12.29 -12.58
C PRO A 223 19.26 -10.77 -12.80
N ILE A 224 20.36 -10.04 -12.53
CA ILE A 224 20.44 -8.59 -12.79
C ILE A 224 20.89 -8.29 -14.24
N GLY A 225 20.96 -7.01 -14.59
CA GLY A 225 21.32 -6.61 -15.93
C GLY A 225 20.09 -6.46 -16.82
N VAL A 226 18.91 -6.67 -16.25
CA VAL A 226 17.66 -6.44 -16.97
C VAL A 226 17.39 -4.94 -17.09
N LYS A 227 17.22 -4.49 -18.33
CA LYS A 227 16.97 -3.08 -18.62
C LYS A 227 15.49 -2.80 -18.81
N TRP A 228 15.10 -1.57 -18.51
CA TRP A 228 13.83 -1.03 -18.96
C TRP A 228 14.16 0.28 -19.66
N GLU A 229 13.77 0.34 -20.93
CA GLU A 229 14.35 1.33 -21.84
C GLU A 229 13.40 2.42 -22.31
N GLY A 230 12.11 2.30 -22.00
CA GLY A 230 11.14 3.29 -22.43
C GLY A 230 10.84 3.25 -23.91
N LYS A 231 11.08 2.08 -24.52
CA LYS A 231 10.69 1.83 -25.89
C LYS A 231 9.17 1.95 -25.99
N ASP A 232 8.66 2.33 -27.16
CA ASP A 232 7.23 2.51 -27.36
C ASP A 232 6.43 1.29 -26.90
N TRP A 233 6.97 0.10 -27.15
CA TRP A 233 6.28 -1.15 -26.83
C TRP A 233 6.24 -1.34 -25.31
N GLU A 234 7.31 -0.90 -24.66
CA GLU A 234 7.48 -0.98 -23.21
C GLU A 234 6.52 -0.08 -22.47
N VAL A 235 6.38 1.15 -22.95
CA VAL A 235 5.40 2.13 -22.46
C VAL A 235 3.99 1.60 -22.63
N GLU A 236 3.73 1.05 -23.82
CA GLU A 236 2.42 0.52 -24.17
C GLU A 236 1.96 -0.67 -23.33
N GLN A 237 2.90 -1.54 -22.95
CA GLN A 237 2.62 -2.60 -21.96
C GLN A 237 1.96 -2.00 -20.72
N ILE A 238 2.64 -1.01 -20.13
CA ILE A 238 2.15 -0.31 -18.94
C ILE A 238 0.78 0.34 -19.19
N ARG A 239 0.66 1.06 -20.30
CA ARG A 239 -0.59 1.74 -20.63
C ARG A 239 -1.78 0.77 -20.72
N ASN A 240 -1.54 -0.38 -21.33
CA ASN A 240 -2.58 -1.39 -21.52
C ASN A 240 -3.01 -2.05 -20.21
N HIS A 241 -2.06 -2.32 -19.34
CA HIS A 241 -2.35 -2.87 -18.01
C HIS A 241 -3.22 -1.93 -17.20
N PHE A 242 -2.88 -0.63 -17.23
CA PHE A 242 -3.59 0.38 -16.47
C PHE A 242 -4.95 0.71 -17.06
N LYS A 243 -5.05 0.71 -18.40
CA LYS A 243 -6.33 0.87 -19.09
C LYS A 243 -7.32 -0.21 -18.66
N TYR A 244 -6.83 -1.45 -18.56
CA TYR A 244 -7.61 -2.58 -18.07
C TYR A 244 -8.16 -2.33 -16.67
N VAL A 245 -7.33 -1.84 -15.74
CA VAL A 245 -7.79 -1.45 -14.41
C VAL A 245 -8.79 -0.27 -14.55
N SER A 246 -8.41 0.69 -15.38
CA SER A 246 -9.22 1.91 -15.57
C SER A 246 -10.64 1.66 -16.08
N GLU A 247 -10.77 0.79 -17.07
CA GLU A 247 -12.09 0.50 -17.66
C GLU A 247 -12.98 -0.22 -16.65
N TRP A 248 -12.41 -1.14 -15.88
CA TRP A 248 -13.14 -1.80 -14.77
C TRP A 248 -13.61 -0.79 -13.74
N ALA A 249 -12.72 0.12 -13.34
CA ALA A 249 -13.03 1.07 -12.29
C ALA A 249 -14.14 2.05 -12.70
N LYS A 250 -14.06 2.54 -13.94
CA LYS A 250 -15.09 3.45 -14.48
C LYS A 250 -16.45 2.77 -14.56
N LYS A 251 -16.47 1.54 -15.10
CA LYS A 251 -17.66 0.69 -15.14
C LYS A 251 -18.31 0.56 -13.76
N ASN A 252 -17.49 0.46 -12.73
CA ASN A 252 -17.96 0.23 -11.37
C ASN A 252 -17.98 1.46 -10.48
N ASN A 253 -17.73 2.63 -11.06
CA ASN A 253 -17.69 3.91 -10.35
C ASN A 253 -16.89 3.94 -9.02
N VAL A 254 -15.70 3.35 -9.05
CA VAL A 254 -14.84 3.32 -7.87
C VAL A 254 -13.50 4.00 -8.20
N PRO A 255 -12.95 4.78 -7.23
CA PRO A 255 -11.62 5.33 -7.47
C PRO A 255 -10.55 4.24 -7.31
N ILE A 256 -9.39 4.47 -7.93
CA ILE A 256 -8.25 3.57 -7.88
C ILE A 256 -6.99 4.19 -7.23
N PHE A 257 -6.35 3.39 -6.38
CA PHE A 257 -5.13 3.71 -5.68
C PHE A 257 -4.08 2.68 -6.10
N LEU A 258 -3.04 3.18 -6.76
CA LEU A 258 -1.90 2.33 -7.08
C LEU A 258 -1.08 2.28 -5.79
N GLY A 259 -1.33 1.26 -4.97
CA GLY A 259 -0.83 1.26 -3.60
C GLY A 259 0.66 1.13 -3.43
N GLU A 260 1.31 0.44 -4.39
CA GLU A 260 2.75 0.21 -4.41
C GLU A 260 3.23 0.11 -5.84
N PHE A 261 4.40 0.69 -6.09
CA PHE A 261 5.11 0.56 -7.36
C PHE A 261 6.54 0.98 -7.10
N GLY A 262 7.50 0.25 -7.67
CA GLY A 262 8.91 0.57 -7.48
C GLY A 262 9.79 -0.48 -8.13
N ALA A 263 11.04 -0.11 -8.44
CA ALA A 263 12.04 -1.05 -8.94
C ALA A 263 13.21 -1.11 -7.95
N TYR A 264 13.67 -2.32 -7.68
CA TYR A 264 14.71 -2.55 -6.68
C TYR A 264 16.03 -1.88 -7.11
N SER A 265 16.77 -1.38 -6.14
CA SER A 265 18.01 -0.64 -6.37
C SER A 265 19.15 -1.44 -7.08
N LYS A 266 18.98 -2.76 -7.19
CA LYS A 266 19.91 -3.60 -7.96
C LYS A 266 19.62 -3.61 -9.46
N ALA A 267 18.54 -2.94 -9.86
CA ALA A 267 18.31 -2.57 -11.25
C ALA A 267 19.12 -1.31 -11.55
N ASP A 268 19.56 -1.12 -12.80
CA ASP A 268 20.33 0.08 -13.14
C ASP A 268 19.46 1.33 -13.01
N MET A 269 20.06 2.39 -12.45
CA MET A 269 19.36 3.64 -12.14
C MET A 269 18.61 4.27 -13.33
N GLU A 270 19.28 4.36 -14.47
CA GLU A 270 18.67 4.87 -15.70
C GLU A 270 17.35 4.15 -16.03
N SER A 271 17.36 2.82 -15.98
CA SER A 271 16.14 2.04 -16.19
C SER A 271 15.07 2.33 -15.13
N ARG A 272 15.50 2.45 -13.87
CA ARG A 272 14.59 2.73 -12.76
C ARG A 272 13.84 4.04 -12.93
N VAL A 273 14.59 5.09 -13.31
CA VAL A 273 14.05 6.43 -13.56
C VAL A 273 13.01 6.40 -14.69
N LYS A 274 13.33 5.71 -15.79
CA LYS A 274 12.41 5.59 -16.91
C LYS A 274 11.14 4.82 -16.54
N TRP A 275 11.31 3.65 -15.93
CA TRP A 275 10.17 2.84 -15.47
C TRP A 275 9.33 3.60 -14.46
N THR A 276 9.99 4.20 -13.47
CA THR A 276 9.26 4.88 -12.40
C THR A 276 8.43 6.05 -12.96
N LYS A 277 9.04 6.91 -13.79
CA LYS A 277 8.35 8.08 -14.36
C LYS A 277 7.22 7.70 -15.30
N THR A 278 7.40 6.60 -16.06
CA THR A 278 6.36 6.13 -16.97
C THR A 278 5.15 5.62 -16.18
N VAL A 279 5.39 4.75 -15.20
CA VAL A 279 4.32 4.28 -14.30
C VAL A 279 3.57 5.43 -13.64
N ARG A 280 4.30 6.44 -13.15
CA ARG A 280 3.68 7.58 -12.48
C ARG A 280 2.81 8.37 -13.45
N ARG A 281 3.32 8.63 -14.65
CA ARG A 281 2.58 9.41 -15.64
C ARG A 281 1.31 8.70 -16.12
N ILE A 282 1.42 7.41 -16.37
CA ILE A 282 0.27 6.63 -16.81
C ILE A 282 -0.84 6.54 -15.74
N ALA A 283 -0.43 6.37 -14.50
CA ALA A 283 -1.36 6.39 -13.37
C ALA A 283 -2.10 7.73 -13.27
N GLU A 284 -1.36 8.84 -13.32
CA GLU A 284 -1.95 10.18 -13.36
C GLU A 284 -2.94 10.33 -14.51
N GLU A 285 -2.57 9.83 -15.68
CA GLU A 285 -3.42 9.85 -16.87
C GLU A 285 -4.78 9.17 -16.68
N PHE A 286 -4.79 8.07 -15.92
CA PHE A 286 -6.04 7.36 -15.63
C PHE A 286 -6.75 7.83 -14.34
N GLY A 287 -6.19 8.86 -13.70
CA GLY A 287 -6.79 9.42 -12.47
C GLY A 287 -6.52 8.55 -11.24
N PHE A 288 -5.51 7.69 -11.32
CA PHE A 288 -5.07 6.89 -10.19
C PHE A 288 -4.26 7.74 -9.21
N SER A 289 -4.60 7.65 -7.93
CA SER A 289 -3.68 8.07 -6.87
C SER A 289 -2.59 7.00 -6.74
N LEU A 290 -1.48 7.33 -6.07
CA LEU A 290 -0.33 6.40 -6.06
C LEU A 290 0.59 6.57 -4.87
N ALA A 291 1.35 5.53 -4.56
CA ALA A 291 2.28 5.54 -3.46
C ALA A 291 3.49 4.70 -3.82
N TYR A 292 4.64 5.36 -3.85
CA TYR A 292 5.88 4.72 -4.21
C TYR A 292 6.35 3.77 -3.11
N TRP A 293 6.79 2.59 -3.53
CA TRP A 293 7.48 1.64 -2.66
C TRP A 293 9.01 1.72 -2.90
N GLU A 294 9.78 2.24 -1.94
CA GLU A 294 9.32 2.78 -0.65
C GLU A 294 10.20 3.95 -0.23
N PHE A 295 10.01 4.42 0.99
CA PHE A 295 10.69 5.62 1.50
C PHE A 295 12.24 5.59 1.51
N CYS A 296 12.85 4.63 2.20
CA CYS A 296 14.29 4.78 2.53
C CYS A 296 15.14 3.50 2.62
N ALA A 297 14.63 2.37 2.16
CA ALA A 297 15.42 1.16 2.24
C ALA A 297 15.90 0.75 0.84
N GLY A 298 15.84 -0.53 0.52
CA GLY A 298 16.37 -1.04 -0.77
C GLY A 298 15.71 -0.59 -2.08
N PHE A 299 14.51 -0.01 -1.99
CA PHE A 299 13.83 0.57 -3.14
C PHE A 299 13.79 2.08 -2.91
N GLY A 300 14.42 2.55 -1.83
CA GLY A 300 14.23 3.89 -1.28
C GLY A 300 14.61 5.13 -2.10
N LEU A 301 13.98 6.25 -1.77
CA LEU A 301 14.22 7.52 -2.44
C LEU A 301 15.06 8.44 -1.59
N TYR A 302 14.97 8.24 -0.28
CA TYR A 302 15.61 9.11 0.68
C TYR A 302 16.71 8.37 1.45
N ASP A 303 17.88 8.98 1.52
CA ASP A 303 18.97 8.43 2.30
C ASP A 303 18.97 9.12 3.67
N ARG A 304 18.65 8.33 4.71
CA ARG A 304 18.60 8.82 6.10
C ARG A 304 19.90 9.46 6.60
N TRP A 305 21.04 8.97 6.11
CA TRP A 305 22.37 9.37 6.58
C TRP A 305 22.90 10.60 5.84
N THR A 306 22.89 10.56 4.51
CA THR A 306 23.25 11.73 3.70
C THR A 306 22.17 12.83 3.74
N LYS A 307 20.96 12.45 4.16
CA LYS A 307 19.84 13.38 4.33
C LYS A 307 19.42 13.97 2.99
N THR A 308 19.47 13.16 1.95
CA THR A 308 19.17 13.64 0.62
C THR A 308 18.36 12.64 -0.18
N TRP A 309 17.39 13.19 -0.90
CA TRP A 309 16.61 12.48 -1.89
C TRP A 309 17.45 12.19 -3.12
N ILE A 310 17.39 10.95 -3.61
CA ILE A 310 18.05 10.60 -4.86
C ILE A 310 17.28 11.16 -6.07
N GLU A 311 17.99 11.89 -6.93
CA GLU A 311 17.39 12.56 -8.10
C GLU A 311 18.08 12.14 -9.39
N PRO A 312 17.32 12.03 -10.51
CA PRO A 312 15.90 12.33 -10.67
C PRO A 312 14.87 11.26 -10.28
N LEU A 313 15.30 10.16 -9.67
CA LEU A 313 14.37 9.09 -9.29
C LEU A 313 13.21 9.57 -8.44
N THR A 314 13.49 10.43 -7.46
CA THR A 314 12.43 10.95 -6.57
C THR A 314 11.42 11.75 -7.38
N THR A 315 11.92 12.58 -8.31
CA THR A 315 11.04 13.36 -9.18
C THR A 315 10.20 12.44 -10.08
N SER A 316 10.82 11.35 -10.55
CA SER A 316 10.11 10.31 -11.32
C SER A 316 8.95 9.67 -10.54
N ALA A 317 9.17 9.43 -9.24
CA ALA A 317 8.14 8.89 -8.34
C ALA A 317 7.04 9.88 -7.98
N LEU A 318 7.42 11.15 -7.81
CA LEU A 318 6.56 12.23 -7.30
C LEU A 318 5.93 13.13 -8.36
N GLY A 319 6.68 13.44 -9.41
CA GLY A 319 6.20 14.29 -10.50
C GLY A 319 6.56 15.75 -10.26
N LYS A 320 7.14 16.01 -9.10
CA LYS A 320 7.68 17.30 -8.75
C LYS A 320 8.90 17.16 -7.85
#